data_7PFN
#
_entry.id   7PFN
#
_cell.length_a   44.799
_cell.length_b   104.995
_cell.length_c   124.745
_cell.angle_alpha   90.000
_cell.angle_beta   90.000
_cell.angle_gamma   90.000
#
_symmetry.space_group_name_H-M   'P 2 21 21'
#
loop_
_entity.id
_entity.type
_entity.pdbx_description
1 polymer Beta-lactamase
2 non-polymer Imipenem
3 non-polymer 1-BUTANOL
4 non-polymer 'PHOSPHATE ION'
5 water water
#
_entity_poly.entity_id   1
_entity_poly.type   'polypeptide(L)'
_entity_poly.pdbx_seq_one_letter_code
;MHHHHHHSAGENLYFQGKEWQENKSWNAHFTEHKSQGVVVLWNENKQQGFTNNLKRANQAFLPASTF(ALY)IPNSLIAL
DLGVVKDEHQVFKWDGQTRDIATWNRDHNLITAMKYSVVPVYQEFARQIGEARMSKMLHAFDYGNEDISGNVDSFWLDGG
IRISATEQISFLRKLYHNKLHVSERSQRIVKQAMLTEANGDYIIRAKTGYSTRIEPKIGWWVGWVELDDNVWFFAMNMDM
PTSDGLGLRQAITKEVLKQEKIIP
;
_entity_poly.pdbx_strand_id   AAA,BBB
#
loop_
_chem_comp.id
_chem_comp.type
_chem_comp.name
_chem_comp.formula
1BO non-polymer 1-BUTANOL 'C4 H10 O'
ID1 non-polymer Imipenem 'C12 H19 N3 O4 S'
PO4 non-polymer 'PHOSPHATE ION' 'O4 P -3'
#
# COMPACT_ATOMS: atom_id res chain seq x y z
N LYS A 18 29.89 7.14 -13.39
CA LYS A 18 29.25 6.80 -12.08
C LYS A 18 27.76 7.21 -12.05
N GLU A 19 27.21 7.84 -13.10
CA GLU A 19 25.74 8.01 -13.22
C GLU A 19 25.11 6.63 -13.48
N TRP A 20 25.53 5.94 -14.55
CA TRP A 20 25.05 4.59 -14.94
C TRP A 20 26.19 3.57 -14.88
N GLN A 21 26.15 2.63 -13.94
CA GLN A 21 27.26 1.71 -13.65
C GLN A 21 26.88 0.28 -14.04
N GLU A 22 27.78 -0.43 -14.69
CA GLU A 22 27.52 -1.82 -15.14
C GLU A 22 28.08 -2.75 -14.08
N ASN A 23 27.27 -3.66 -13.54
CA ASN A 23 27.72 -4.71 -12.59
C ASN A 23 27.45 -6.09 -13.21
N LYS A 24 28.44 -6.65 -13.92
CA LYS A 24 28.31 -7.95 -14.63
C LYS A 24 28.18 -9.13 -13.64
N SER A 25 28.52 -8.93 -12.37
CA SER A 25 28.46 -9.97 -11.32
C SER A 25 27.02 -10.43 -11.17
N TRP A 26 26.04 -9.58 -11.50
CA TRP A 26 24.60 -9.92 -11.39
C TRP A 26 24.25 -10.98 -12.43
N ASN A 27 25.03 -11.11 -13.50
CA ASN A 27 24.76 -12.14 -14.52
C ASN A 27 24.73 -13.53 -13.88
N ALA A 28 25.47 -13.77 -12.81
CA ALA A 28 25.47 -15.09 -12.12
C ALA A 28 24.04 -15.45 -11.69
N HIS A 29 23.20 -14.47 -11.31
CA HIS A 29 21.81 -14.71 -10.86
C HIS A 29 20.98 -15.20 -12.07
N PHE A 30 21.34 -14.80 -13.29
CA PHE A 30 20.65 -15.28 -14.52
C PHE A 30 21.24 -16.65 -14.93
N THR A 31 22.55 -16.76 -15.03
CA THR A 31 23.26 -17.97 -15.54
C THR A 31 23.00 -19.16 -14.61
N GLU A 32 22.81 -18.94 -13.31
CA GLU A 32 22.42 -19.99 -12.33
C GLU A 32 21.16 -20.73 -12.83
N HIS A 33 20.24 -20.03 -13.49
CA HIS A 33 18.96 -20.59 -14.02
C HIS A 33 19.08 -20.86 -15.52
N LYS A 34 20.29 -20.86 -16.10
CA LYS A 34 20.46 -20.99 -17.57
C LYS A 34 19.55 -19.99 -18.29
N SER A 35 19.50 -18.76 -17.79
CA SER A 35 18.64 -17.72 -18.37
C SER A 35 19.52 -16.53 -18.76
N GLN A 36 18.94 -15.56 -19.47
CA GLN A 36 19.59 -14.28 -19.83
C GLN A 36 18.56 -13.18 -19.62
N GLY A 37 19.01 -12.04 -19.14
CA GLY A 37 18.14 -10.87 -19.00
C GLY A 37 18.90 -9.70 -18.45
N VAL A 38 18.16 -8.65 -18.07
CA VAL A 38 18.73 -7.39 -17.53
C VAL A 38 17.92 -7.05 -16.28
N VAL A 39 18.62 -6.56 -15.27
CA VAL A 39 18.02 -5.83 -14.13
C VAL A 39 18.60 -4.44 -14.20
N VAL A 40 17.73 -3.43 -14.14
CA VAL A 40 18.09 -2.01 -13.95
C VAL A 40 17.59 -1.55 -12.58
N LEU A 41 18.47 -0.95 -11.77
CA LEU A 41 18.12 -0.28 -10.50
C LEU A 41 18.43 1.20 -10.64
N TRP A 42 17.59 2.01 -10.00
CA TRP A 42 17.81 3.46 -9.86
C TRP A 42 17.69 3.84 -8.39
N ASN A 43 18.79 4.29 -7.81
CA ASN A 43 18.84 4.82 -6.42
C ASN A 43 18.34 6.27 -6.45
N GLU A 44 17.14 6.53 -5.93
CA GLU A 44 16.52 7.88 -6.08
C GLU A 44 17.32 8.92 -5.29
N ASN A 45 17.74 8.63 -4.07
CA ASN A 45 18.46 9.66 -3.27
C ASN A 45 19.77 10.04 -3.96
N LYS A 46 20.50 9.06 -4.49
CA LYS A 46 21.87 9.32 -5.03
C LYS A 46 21.82 9.66 -6.52
N GLN A 47 20.67 9.52 -7.19
CA GLN A 47 20.50 9.77 -8.64
C GLN A 47 21.54 8.93 -9.43
N GLN A 48 21.66 7.65 -9.09
CA GLN A 48 22.62 6.72 -9.72
C GLN A 48 21.92 5.43 -10.12
N GLY A 49 22.28 4.93 -11.29
CA GLY A 49 21.67 3.74 -11.92
C GLY A 49 22.68 2.63 -11.98
N PHE A 50 22.20 1.40 -11.97
CA PHE A 50 23.04 0.17 -11.96
C PHE A 50 22.37 -0.84 -12.89
N THR A 51 23.15 -1.57 -13.67
CA THR A 51 22.57 -2.67 -14.50
C THR A 51 23.64 -3.71 -14.76
N ASN A 52 23.22 -4.93 -15.04
CA ASN A 52 24.19 -6.01 -15.46
C ASN A 52 24.48 -5.91 -16.95
N ASN A 53 23.71 -5.12 -17.71
CA ASN A 53 23.79 -5.15 -19.19
C ASN A 53 23.27 -3.82 -19.74
N LEU A 54 24.16 -2.84 -19.96
CA LEU A 54 23.79 -1.46 -20.40
C LEU A 54 23.03 -1.55 -21.73
N LYS A 55 23.46 -2.44 -22.63
CA LYS A 55 22.84 -2.53 -23.98
C LYS A 55 21.40 -3.04 -23.82
N ARG A 56 21.21 -4.16 -23.14
CA ARG A 56 19.85 -4.73 -22.98
C ARG A 56 18.97 -3.79 -22.13
N ALA A 57 19.55 -3.02 -21.19
CA ALA A 57 18.84 -2.03 -20.38
C ALA A 57 18.14 -1.02 -21.31
N ASN A 58 18.69 -0.77 -22.50
CA ASN A 58 18.14 0.24 -23.46
C ASN A 58 17.42 -0.44 -24.61
N GLN A 59 17.30 -1.76 -24.61
CA GLN A 59 16.53 -2.46 -25.64
C GLN A 59 15.02 -2.44 -25.35
N ALA A 60 14.22 -2.08 -26.36
CA ALA A 60 12.77 -1.83 -26.21
C ALA A 60 12.03 -3.12 -26.55
N PHE A 61 11.08 -3.52 -25.71
CA PHE A 61 10.23 -4.70 -25.94
C PHE A 61 8.76 -4.32 -25.80
N LEU A 62 7.87 -5.19 -26.24
CA LEU A 62 6.43 -5.05 -25.94
C LEU A 62 6.32 -5.01 -24.42
N PRO A 63 5.53 -4.07 -23.86
CA PRO A 63 5.30 -4.00 -22.42
C PRO A 63 4.44 -5.12 -21.83
N ALA A 64 3.57 -5.72 -22.65
CA ALA A 64 2.63 -6.77 -22.23
C ALA A 64 1.87 -6.27 -20.96
N SER A 65 1.82 -7.06 -19.88
CA SER A 65 0.93 -6.76 -18.70
C SER A 65 1.48 -5.53 -17.96
N THR A 66 2.73 -5.10 -18.19
CA THR A 66 3.27 -3.89 -17.50
C THR A 66 2.53 -2.67 -18.06
N PHE A 67 1.83 -2.80 -19.19
CA PHE A 67 1.09 -1.67 -19.80
C PHE A 67 -0.16 -1.39 -18.95
OH ALY A 68 -3.44 -5.78 -20.31
CH ALY A 68 -2.69 -6.68 -19.94
CH3 ALY A 68 -1.71 -7.31 -20.89
NZ ALY A 68 -2.71 -7.18 -18.70
CE ALY A 68 -3.58 -6.70 -17.65
CD ALY A 68 -2.87 -5.75 -16.70
CG ALY A 68 -2.65 -4.42 -17.34
CB ALY A 68 -2.05 -3.34 -16.42
CA ALY A 68 -1.65 -2.08 -17.19
N ALY A 68 -0.49 -2.30 -18.03
C ALY A 68 -1.42 -0.83 -16.32
O ALY A 68 -2.40 -0.23 -15.88
HH31 ALY A 68 -1.22 -8.01 -20.44
HH32 ALY A 68 -1.09 -6.63 -21.20
HH33 ALY A 68 -2.19 -7.68 -21.64
HZ ALY A 68 -2.15 -7.83 -18.50
HE3 ALY A 68 -3.93 -7.46 -17.15
HE2 ALY A 68 -4.35 -6.24 -18.06
HD3 ALY A 68 -2.00 -6.14 -16.45
HD2 ALY A 68 -3.40 -5.64 -15.89
HG3 ALY A 68 -3.52 -4.09 -17.68
HG2 ALY A 68 -2.06 -4.54 -18.12
HB3 ALY A 68 -1.26 -3.71 -15.98
HB2 ALY A 68 -2.70 -3.10 -15.73
HA ALY A 68 -2.40 -1.86 -17.79
H ALY A 68 0.03 -3.16 -17.94
N ILE A 69 -0.17 -0.41 -16.10
CA ILE A 69 0.06 0.79 -15.30
C ILE A 69 -0.47 2.02 -16.07
N PRO A 70 0.04 2.36 -17.27
CA PRO A 70 -0.45 3.55 -17.97
C PRO A 70 -1.91 3.44 -18.40
N ASN A 71 -2.34 2.23 -18.76
CA ASN A 71 -3.75 1.98 -19.16
C ASN A 71 -4.65 2.35 -17.96
N SER A 72 -4.32 1.86 -16.75
CA SER A 72 -5.08 2.19 -15.50
C SER A 72 -5.14 3.72 -15.34
N LEU A 73 -4.00 4.40 -15.50
CA LEU A 73 -3.88 5.85 -15.22
C LEU A 73 -4.80 6.60 -16.17
N ILE A 74 -4.72 6.28 -17.45
CA ILE A 74 -5.51 6.94 -18.52
C ILE A 74 -7.01 6.68 -18.24
N ALA A 75 -7.40 5.44 -18.01
CA ALA A 75 -8.80 5.08 -17.72
C ALA A 75 -9.34 5.88 -16.52
N LEU A 76 -8.54 6.03 -15.44
CA LEU A 76 -8.97 6.76 -14.24
C LEU A 76 -9.09 8.25 -14.59
N ASP A 77 -8.10 8.82 -15.27
CA ASP A 77 -8.04 10.29 -15.50
C ASP A 77 -9.23 10.68 -16.38
N LEU A 78 -9.62 9.81 -17.32
CA LEU A 78 -10.73 10.09 -18.26
C LEU A 78 -12.07 9.69 -17.65
N GLY A 79 -12.12 9.06 -16.49
CA GLY A 79 -13.39 8.71 -15.84
C GLY A 79 -14.00 7.49 -16.49
N VAL A 80 -13.24 6.75 -17.30
CA VAL A 80 -13.63 5.40 -17.80
C VAL A 80 -13.71 4.47 -16.60
N VAL A 81 -12.79 4.64 -15.65
CA VAL A 81 -12.86 3.96 -14.33
C VAL A 81 -13.17 5.04 -13.30
N LYS A 82 -14.25 4.89 -12.54
CA LYS A 82 -14.66 5.90 -11.53
C LYS A 82 -13.71 5.83 -10.32
N ASP A 83 -13.43 4.64 -9.81
CA ASP A 83 -12.50 4.42 -8.67
C ASP A 83 -12.11 2.96 -8.62
N GLU A 84 -11.32 2.60 -7.61
CA GLU A 84 -10.77 1.24 -7.46
C GLU A 84 -11.84 0.24 -6.96
N HIS A 85 -13.09 0.67 -6.70
CA HIS A 85 -14.19 -0.21 -6.21
C HIS A 85 -15.14 -0.57 -7.36
N GLN A 86 -15.17 0.24 -8.42
CA GLN A 86 -16.09 -0.01 -9.54
C GLN A 86 -15.89 -1.43 -10.03
N VAL A 87 -16.99 -2.17 -10.20
CA VAL A 87 -16.97 -3.60 -10.63
C VAL A 87 -17.05 -3.68 -12.15
N PHE A 88 -16.14 -4.43 -12.76
CA PHE A 88 -16.19 -4.77 -14.21
C PHE A 88 -16.71 -6.19 -14.28
N LYS A 89 -17.91 -6.36 -14.80
CA LYS A 89 -18.65 -7.65 -14.82
C LYS A 89 -17.93 -8.60 -15.77
N TRP A 90 -17.73 -9.84 -15.38
CA TRP A 90 -17.23 -10.89 -16.30
C TRP A 90 -18.15 -10.96 -17.53
N ASP A 91 -17.57 -11.01 -18.73
CA ASP A 91 -18.32 -11.05 -20.03
C ASP A 91 -18.85 -12.47 -20.28
N GLY A 92 -18.66 -13.41 -19.37
CA GLY A 92 -19.21 -14.78 -19.45
C GLY A 92 -18.45 -15.68 -20.43
N GLN A 93 -17.30 -15.25 -20.98
CA GLN A 93 -16.44 -16.10 -21.85
C GLN A 93 -15.34 -16.73 -21.00
N THR A 94 -15.29 -18.06 -20.93
CA THR A 94 -14.33 -18.80 -20.10
C THR A 94 -12.97 -18.79 -20.80
N ARG A 95 -11.93 -18.28 -20.14
CA ARG A 95 -10.55 -18.15 -20.69
C ARG A 95 -9.65 -19.07 -19.89
N ASP A 96 -8.44 -19.34 -20.39
CA ASP A 96 -7.46 -20.32 -19.83
C ASP A 96 -7.04 -19.96 -18.40
N ILE A 97 -7.07 -18.68 -18.03
CA ILE A 97 -6.63 -18.24 -16.67
C ILE A 97 -7.89 -18.12 -15.81
N ALA A 98 -8.07 -19.01 -14.84
CA ALA A 98 -9.36 -19.17 -14.11
C ALA A 98 -9.71 -17.86 -13.37
N THR A 99 -8.72 -17.17 -12.80
CA THR A 99 -8.93 -15.93 -11.99
C THR A 99 -9.57 -14.84 -12.87
N TRP A 100 -9.54 -14.96 -14.19
CA TRP A 100 -10.15 -13.96 -15.11
C TRP A 100 -11.66 -14.18 -15.22
N ASN A 101 -12.17 -15.34 -14.85
CA ASN A 101 -13.55 -15.76 -15.20
C ASN A 101 -14.50 -15.34 -14.07
N ARG A 102 -14.41 -14.08 -13.66
CA ARG A 102 -15.13 -13.56 -12.47
C ARG A 102 -15.18 -12.04 -12.57
N ASP A 103 -16.00 -11.41 -11.73
CA ASP A 103 -16.10 -9.94 -11.69
C ASP A 103 -14.79 -9.42 -11.07
N HIS A 104 -14.38 -8.22 -11.47
CA HIS A 104 -13.12 -7.61 -10.98
C HIS A 104 -13.36 -6.15 -10.68
N ASN A 105 -12.54 -5.61 -9.79
CA ASN A 105 -12.34 -4.15 -9.65
C ASN A 105 -10.90 -3.85 -10.10
N LEU A 106 -10.49 -2.59 -10.06
CA LEU A 106 -9.14 -2.22 -10.55
C LEU A 106 -8.08 -2.94 -9.71
N ILE A 107 -8.31 -3.18 -8.42
CA ILE A 107 -7.26 -3.80 -7.56
C ILE A 107 -7.04 -5.24 -8.03
N THR A 108 -8.12 -6.01 -8.19
CA THR A 108 -8.02 -7.46 -8.55
C THR A 108 -7.64 -7.61 -10.04
N ALA A 109 -8.07 -6.69 -10.91
CA ALA A 109 -7.74 -6.70 -12.35
C ALA A 109 -6.24 -6.53 -12.52
N MET A 110 -5.61 -5.65 -11.72
CA MET A 110 -4.13 -5.50 -11.73
CA MET A 110 -4.14 -5.50 -11.73
C MET A 110 -3.50 -6.77 -11.16
N LYS A 111 -3.96 -7.22 -10.00
CA LYS A 111 -3.33 -8.34 -9.25
C LYS A 111 -3.28 -9.59 -10.12
N TYR A 112 -4.36 -9.87 -10.84
CA TYR A 112 -4.51 -11.09 -11.66
C TYR A 112 -4.27 -10.80 -13.15
N SER A 113 -3.85 -9.57 -13.52
CA SER A 113 -3.52 -9.20 -14.91
C SER A 113 -4.66 -9.61 -15.84
N VAL A 114 -5.87 -9.11 -15.57
CA VAL A 114 -7.11 -9.52 -16.28
C VAL A 114 -7.20 -8.75 -17.60
N VAL A 115 -6.65 -9.37 -18.64
CA VAL A 115 -6.53 -8.74 -19.98
C VAL A 115 -7.88 -8.19 -20.45
N PRO A 116 -8.99 -8.96 -20.42
CA PRO A 116 -10.25 -8.51 -21.02
C PRO A 116 -10.77 -7.21 -20.43
N VAL A 117 -10.54 -7.02 -19.13
CA VAL A 117 -10.95 -5.76 -18.45
C VAL A 117 -10.17 -4.59 -19.07
N TYR A 118 -8.87 -4.76 -19.27
CA TYR A 118 -7.98 -3.70 -19.80
C TYR A 118 -8.22 -3.46 -21.31
N GLN A 119 -8.67 -4.50 -22.02
CA GLN A 119 -9.03 -4.32 -23.45
C GLN A 119 -10.28 -3.42 -23.54
N GLU A 120 -11.24 -3.60 -22.63
CA GLU A 120 -12.48 -2.80 -22.60
C GLU A 120 -12.09 -1.38 -22.26
N PHE A 121 -11.20 -1.17 -21.27
CA PHE A 121 -10.71 0.20 -20.96
C PHE A 121 -10.17 0.83 -22.23
N ALA A 122 -9.30 0.10 -22.95
CA ALA A 122 -8.65 0.63 -24.16
C ALA A 122 -9.69 1.04 -25.22
N ARG A 123 -10.74 0.23 -25.44
CA ARG A 123 -11.82 0.56 -26.42
CA ARG A 123 -11.81 0.56 -26.43
C ARG A 123 -12.52 1.84 -26.00
N GLN A 124 -12.84 2.01 -24.72
CA GLN A 124 -13.53 3.24 -24.20
C GLN A 124 -12.60 4.45 -24.25
N ILE A 125 -11.31 4.27 -23.99
CA ILE A 125 -10.31 5.39 -24.14
C ILE A 125 -10.29 5.80 -25.61
N GLY A 126 -10.13 4.82 -26.49
CA GLY A 126 -10.04 5.01 -27.95
C GLY A 126 -8.68 5.45 -28.41
N GLU A 127 -8.41 5.26 -29.69
CA GLU A 127 -7.05 5.41 -30.26
C GLU A 127 -6.54 6.85 -30.13
N ALA A 128 -7.36 7.87 -30.33
CA ALA A 128 -6.88 9.26 -30.35
C ALA A 128 -6.42 9.65 -28.93
N ARG A 129 -7.27 9.41 -27.93
CA ARG A 129 -6.90 9.75 -26.54
C ARG A 129 -5.75 8.85 -26.07
N MET A 130 -5.74 7.58 -26.47
CA MET A 130 -4.64 6.68 -26.01
C MET A 130 -3.30 7.19 -26.54
N SER A 131 -3.27 7.58 -27.82
CA SER A 131 -2.02 8.05 -28.50
C SER A 131 -1.53 9.34 -27.85
N LYS A 132 -2.42 10.30 -27.64
CA LYS A 132 -2.09 11.60 -27.03
C LYS A 132 -1.52 11.38 -25.64
N MET A 133 -2.17 10.53 -24.85
CA MET A 133 -1.81 10.40 -23.42
C MET A 133 -0.47 9.68 -23.31
N LEU A 134 -0.18 8.70 -24.17
CA LEU A 134 1.15 8.05 -24.14
C LEU A 134 2.23 9.05 -24.57
N HIS A 135 1.93 9.95 -25.50
CA HIS A 135 2.87 11.06 -25.86
C HIS A 135 3.10 11.94 -24.62
N ALA A 136 2.05 12.34 -23.92
CA ALA A 136 2.19 13.22 -22.73
C ALA A 136 3.04 12.49 -21.67
N PHE A 137 2.87 11.17 -21.56
CA PHE A 137 3.63 10.32 -20.60
C PHE A 137 5.09 10.14 -21.04
N ASP A 138 5.42 10.50 -22.30
CA ASP A 138 6.76 10.25 -22.89
C ASP A 138 7.04 8.74 -22.83
N TYR A 139 6.02 7.92 -23.06
CA TYR A 139 6.03 6.46 -22.76
C TYR A 139 6.63 5.67 -23.92
N GLY A 140 7.84 5.15 -23.70
CA GLY A 140 8.50 4.29 -24.69
C GLY A 140 8.58 4.96 -26.04
N ASN A 141 8.22 4.24 -27.11
CA ASN A 141 8.25 4.80 -28.49
C ASN A 141 6.92 5.49 -28.82
N GLU A 142 5.94 5.50 -27.90
CA GLU A 142 4.67 6.29 -28.01
C GLU A 142 3.80 5.76 -29.16
N ASP A 143 4.07 4.56 -29.64
CA ASP A 143 3.50 4.06 -30.93
C ASP A 143 2.37 3.07 -30.60
N ILE A 144 1.10 3.44 -30.81
CA ILE A 144 -0.04 2.53 -30.49
C ILE A 144 -0.48 1.73 -31.72
N SER A 145 0.33 1.69 -32.77
CA SER A 145 -0.07 1.06 -34.05
C SER A 145 -0.56 -0.35 -33.77
N GLY A 146 -1.64 -0.71 -34.44
CA GLY A 146 -2.25 -2.04 -34.34
C GLY A 146 -3.66 -1.96 -33.78
N ASN A 147 -4.13 -3.02 -33.16
CA ASN A 147 -5.50 -3.04 -32.60
C ASN A 147 -5.55 -2.14 -31.37
N VAL A 148 -6.56 -1.29 -31.25
CA VAL A 148 -6.71 -0.38 -30.08
C VAL A 148 -6.72 -1.21 -28.78
N ASP A 149 -7.24 -2.44 -28.80
CA ASP A 149 -7.36 -3.32 -27.61
C ASP A 149 -6.30 -4.42 -27.59
N SER A 150 -5.20 -4.32 -28.34
CA SER A 150 -4.12 -5.35 -28.21
C SER A 150 -2.74 -4.82 -28.55
N PHE A 151 -2.56 -3.54 -28.87
CA PHE A 151 -1.27 -3.02 -29.41
C PHE A 151 -0.12 -3.26 -28.42
N TRP A 152 -0.39 -3.34 -27.13
CA TRP A 152 0.64 -3.52 -26.09
C TRP A 152 1.00 -5.00 -25.94
N LEU A 153 0.31 -5.87 -26.67
CA LEU A 153 0.56 -7.33 -26.71
C LEU A 153 1.14 -7.71 -28.07
N ASP A 154 0.67 -7.10 -29.15
CA ASP A 154 1.09 -7.57 -30.49
C ASP A 154 1.13 -6.42 -31.49
N GLY A 155 1.20 -5.19 -30.99
CA GLY A 155 1.21 -4.00 -31.86
C GLY A 155 2.58 -3.37 -31.91
N GLY A 156 2.63 -2.06 -32.10
CA GLY A 156 3.88 -1.32 -32.37
C GLY A 156 4.55 -0.84 -31.11
N ILE A 157 3.90 -0.84 -29.95
CA ILE A 157 4.47 -0.09 -28.78
C ILE A 157 5.69 -0.85 -28.27
N ARG A 158 6.73 -0.13 -27.90
CA ARG A 158 8.00 -0.72 -27.42
C ARG A 158 8.54 0.18 -26.32
N ILE A 159 9.04 -0.42 -25.26
CA ILE A 159 9.64 0.33 -24.13
C ILE A 159 10.81 -0.47 -23.59
N SER A 160 11.88 0.23 -23.25
CA SER A 160 13.09 -0.34 -22.63
C SER A 160 12.98 -0.33 -21.09
N ALA A 161 13.82 -1.11 -20.41
CA ALA A 161 13.94 -1.11 -18.95
C ALA A 161 14.21 0.33 -18.46
N THR A 162 15.13 1.05 -19.09
CA THR A 162 15.49 2.44 -18.66
C THR A 162 14.29 3.36 -18.87
N GLU A 163 13.52 3.16 -19.92
CA GLU A 163 12.33 3.99 -20.20
C GLU A 163 11.20 3.66 -19.21
N GLN A 164 11.11 2.41 -18.74
CA GLN A 164 10.17 2.00 -17.65
C GLN A 164 10.54 2.78 -16.39
N ILE A 165 11.83 2.87 -16.06
CA ILE A 165 12.30 3.63 -14.86
C ILE A 165 11.85 5.10 -15.00
N SER A 166 12.15 5.77 -16.12
CA SER A 166 11.76 7.18 -16.34
C SER A 166 10.28 7.36 -16.09
N PHE A 167 9.44 6.54 -16.71
CA PHE A 167 7.97 6.57 -16.53
C PHE A 167 7.61 6.38 -15.06
N LEU A 168 8.17 5.37 -14.40
CA LEU A 168 7.81 5.00 -13.01
C LEU A 168 8.26 6.14 -12.08
N ARG A 169 9.38 6.79 -12.34
CA ARG A 169 9.83 7.93 -11.50
C ARG A 169 8.81 9.09 -11.58
N LYS A 170 8.26 9.34 -12.77
CA LYS A 170 7.23 10.40 -12.90
C LYS A 170 5.99 9.98 -12.06
N LEU A 171 5.55 8.73 -12.17
CA LEU A 171 4.37 8.23 -11.41
C LEU A 171 4.62 8.37 -9.90
N TYR A 172 5.79 7.94 -9.44
CA TYR A 172 6.14 7.96 -8.00
C TYR A 172 5.97 9.40 -7.46
N HIS A 173 6.42 10.39 -8.22
CA HIS A 173 6.44 11.83 -7.82
C HIS A 173 5.14 12.56 -8.21
N ASN A 174 4.12 11.85 -8.72
CA ASN A 174 2.85 12.45 -9.20
C ASN A 174 3.12 13.48 -10.30
N LYS A 175 4.11 13.24 -11.17
CA LYS A 175 4.54 14.24 -12.17
C LYS A 175 3.93 13.94 -13.54
N LEU A 176 3.22 12.84 -13.73
CA LEU A 176 2.53 12.58 -15.02
C LEU A 176 1.41 13.60 -15.18
N HIS A 177 1.05 13.97 -16.40
CA HIS A 177 -0.02 14.96 -16.70
C HIS A 177 -1.36 14.24 -16.67
N VAL A 178 -1.65 13.61 -15.52
CA VAL A 178 -3.01 13.15 -15.11
C VAL A 178 -3.21 13.61 -13.67
N SER A 179 -4.43 13.46 -13.13
CA SER A 179 -4.79 13.93 -11.78
C SER A 179 -3.83 13.27 -10.76
N GLU A 180 -3.48 13.96 -9.68
CA GLU A 180 -2.77 13.32 -8.55
C GLU A 180 -3.57 12.09 -8.10
N ARG A 181 -4.90 12.23 -8.01
CA ARG A 181 -5.78 11.15 -7.55
C ARG A 181 -5.57 9.90 -8.42
N SER A 182 -5.55 10.06 -9.74
CA SER A 182 -5.32 8.92 -10.68
C SER A 182 -4.02 8.22 -10.32
N GLN A 183 -2.98 9.01 -10.04
CA GLN A 183 -1.63 8.46 -9.79
C GLN A 183 -1.65 7.70 -8.45
N ARG A 184 -2.28 8.26 -7.42
CA ARG A 184 -2.36 7.58 -6.09
C ARG A 184 -3.14 6.27 -6.22
N ILE A 185 -4.23 6.26 -6.98
CA ILE A 185 -5.04 5.01 -7.12
C ILE A 185 -4.20 3.92 -7.82
N VAL A 186 -3.49 4.27 -8.89
CA VAL A 186 -2.70 3.24 -9.63
C VAL A 186 -1.56 2.76 -8.72
N LYS A 187 -0.91 3.66 -7.97
CA LYS A 187 0.16 3.23 -7.03
C LYS A 187 -0.40 2.29 -5.96
N GLN A 188 -1.63 2.55 -5.48
CA GLN A 188 -2.32 1.60 -4.55
C GLN A 188 -2.49 0.25 -5.25
N ALA A 189 -2.97 0.26 -6.48
CA ALA A 189 -3.26 -0.98 -7.25
CA ALA A 189 -3.26 -0.98 -7.25
C ALA A 189 -1.96 -1.73 -7.58
N MET A 190 -0.81 -1.04 -7.57
CA MET A 190 0.52 -1.67 -7.85
C MET A 190 1.05 -2.39 -6.61
N LEU A 191 0.42 -2.20 -5.45
CA LEU A 191 0.94 -2.76 -4.19
C LEU A 191 1.10 -4.27 -4.38
N THR A 192 2.29 -4.78 -4.14
CA THR A 192 2.60 -6.22 -4.38
C THR A 192 2.98 -6.87 -3.06
N GLU A 193 3.80 -6.20 -2.25
CA GLU A 193 4.36 -6.83 -1.03
C GLU A 193 4.69 -5.70 -0.06
N ALA A 194 4.46 -5.90 1.23
CA ALA A 194 4.92 -4.98 2.28
C ALA A 194 5.17 -5.75 3.56
N ASN A 195 6.20 -5.33 4.29
CA ASN A 195 6.52 -5.84 5.63
C ASN A 195 7.24 -4.71 6.35
N GLY A 196 7.88 -5.01 7.46
CA GLY A 196 8.58 -3.98 8.27
C GLY A 196 9.86 -3.47 7.63
N ASP A 197 10.38 -4.13 6.58
CA ASP A 197 11.66 -3.74 5.95
C ASP A 197 11.43 -2.91 4.67
N TYR A 198 10.39 -3.21 3.91
CA TYR A 198 10.22 -2.59 2.58
C TYR A 198 8.78 -2.72 2.09
N ILE A 199 8.45 -1.87 1.12
CA ILE A 199 7.20 -1.94 0.32
C ILE A 199 7.59 -2.11 -1.15
N ILE A 200 6.99 -3.04 -1.88
CA ILE A 200 7.20 -3.15 -3.34
C ILE A 200 5.88 -2.80 -4.02
N ARG A 201 5.93 -1.77 -4.88
CA ARG A 201 4.83 -1.47 -5.82
C ARG A 201 5.38 -1.88 -7.18
N ALA A 202 4.68 -2.72 -7.94
CA ALA A 202 5.26 -3.28 -9.17
C ALA A 202 4.17 -3.93 -10.01
N LYS A 203 4.56 -4.31 -11.22
CA LYS A 203 3.70 -5.03 -12.18
C LYS A 203 4.57 -6.02 -12.95
N THR A 204 4.18 -7.28 -12.94
CA THR A 204 4.76 -8.36 -13.78
C THR A 204 4.18 -8.31 -15.20
N GLY A 205 4.93 -8.82 -16.17
CA GLY A 205 4.35 -9.05 -17.51
C GLY A 205 5.02 -10.20 -18.19
N TYR A 206 4.29 -10.90 -19.05
CA TYR A 206 4.85 -12.02 -19.86
C TYR A 206 4.36 -11.80 -21.29
N SER A 207 5.28 -11.48 -22.20
CA SER A 207 5.03 -11.16 -23.62
C SER A 207 5.25 -12.45 -24.43
N THR A 208 4.16 -13.05 -24.95
CA THR A 208 4.21 -14.34 -25.65
C THR A 208 3.68 -14.25 -27.08
N ARG A 209 3.01 -13.17 -27.51
CA ARG A 209 2.34 -13.14 -28.85
C ARG A 209 3.39 -13.00 -29.95
N ILE A 210 4.46 -12.26 -29.65
CA ILE A 210 5.52 -11.86 -30.62
C ILE A 210 6.86 -12.26 -30.02
N GLU A 211 7.77 -12.82 -30.84
CA GLU A 211 9.14 -13.18 -30.40
C GLU A 211 9.94 -11.89 -30.24
N PRO A 212 10.93 -11.81 -29.33
CA PRO A 212 11.27 -12.92 -28.43
C PRO A 212 10.29 -12.95 -27.24
N LYS A 213 9.92 -14.14 -26.80
CA LYS A 213 9.10 -14.26 -25.56
C LYS A 213 9.95 -13.76 -24.37
N ILE A 214 9.44 -12.77 -23.64
CA ILE A 214 10.17 -12.25 -22.45
C ILE A 214 9.20 -12.04 -21.28
N GLY A 215 9.79 -12.01 -20.10
CA GLY A 215 9.10 -11.68 -18.84
C GLY A 215 9.62 -10.37 -18.32
N TRP A 216 8.73 -9.57 -17.73
CA TRP A 216 9.07 -8.27 -17.12
C TRP A 216 8.75 -8.31 -15.64
N TRP A 217 9.46 -7.51 -14.87
CA TRP A 217 8.98 -7.03 -13.54
C TRP A 217 9.51 -5.59 -13.39
N VAL A 218 8.59 -4.64 -13.28
CA VAL A 218 8.96 -3.21 -13.16
C VAL A 218 8.22 -2.64 -11.95
N GLY A 219 8.87 -1.75 -11.23
CA GLY A 219 8.25 -1.10 -10.08
C GLY A 219 9.27 -0.39 -9.23
N TRP A 220 9.05 -0.41 -7.92
CA TRP A 220 10.04 0.16 -7.00
C TRP A 220 9.92 -0.44 -5.62
N VAL A 221 11.00 -0.24 -4.86
CA VAL A 221 11.13 -0.67 -3.44
C VAL A 221 11.17 0.61 -2.62
N GLU A 222 10.15 0.84 -1.79
CA GLU A 222 10.13 1.95 -0.81
C GLU A 222 10.83 1.48 0.47
N LEU A 223 11.89 2.18 0.85
CA LEU A 223 12.56 2.04 2.17
C LEU A 223 12.12 3.23 3.04
N ASP A 224 12.58 3.24 4.28
CA ASP A 224 12.26 4.33 5.24
C ASP A 224 12.62 5.70 4.65
N ASP A 225 13.80 5.82 4.04
CA ASP A 225 14.31 7.15 3.63
C ASP A 225 14.90 7.11 2.22
N ASN A 226 14.53 6.14 1.39
CA ASN A 226 14.96 6.07 -0.02
C ASN A 226 13.94 5.26 -0.83
N VAL A 227 14.01 5.38 -2.15
CA VAL A 227 13.25 4.51 -3.08
C VAL A 227 14.23 4.00 -4.14
N TRP A 228 14.18 2.71 -4.39
CA TRP A 228 14.97 2.03 -5.44
C TRP A 228 14.01 1.61 -6.55
N PHE A 229 14.05 2.28 -7.68
CA PHE A 229 13.25 1.87 -8.86
C PHE A 229 13.91 0.67 -9.52
N PHE A 230 13.11 -0.19 -10.16
CA PHE A 230 13.67 -1.37 -10.83
C PHE A 230 12.85 -1.70 -12.05
N ALA A 231 13.57 -2.18 -13.07
CA ALA A 231 12.93 -2.70 -14.30
C ALA A 231 13.82 -3.81 -14.78
N MET A 232 13.22 -4.98 -14.93
CA MET A 232 13.96 -6.20 -15.31
C MET A 232 13.17 -6.87 -16.42
N ASN A 233 13.86 -7.41 -17.39
CA ASN A 233 13.25 -8.39 -18.32
C ASN A 233 14.22 -9.54 -18.54
N MET A 234 13.69 -10.67 -19.00
CA MET A 234 14.49 -11.87 -19.22
C MET A 234 13.84 -12.73 -20.30
N ASP A 235 14.66 -13.53 -20.98
CA ASP A 235 14.15 -14.47 -22.01
C ASP A 235 13.27 -15.50 -21.28
N MET A 236 12.09 -15.79 -21.82
CA MET A 236 11.09 -16.66 -21.13
CA MET A 236 11.09 -16.65 -21.15
C MET A 236 10.49 -17.57 -22.21
N PRO A 237 11.28 -18.55 -22.71
CA PRO A 237 10.83 -19.39 -23.82
C PRO A 237 9.58 -20.21 -23.46
N THR A 238 9.42 -20.53 -22.16
CA THR A 238 8.30 -21.33 -21.60
C THR A 238 7.83 -20.70 -20.30
N SER A 239 6.60 -21.02 -19.88
CA SER A 239 5.96 -20.42 -18.68
C SER A 239 6.58 -21.00 -17.41
N ASP A 240 7.42 -22.04 -17.53
CA ASP A 240 8.07 -22.78 -16.40
C ASP A 240 8.67 -21.79 -15.41
N GLY A 241 9.43 -20.86 -15.94
CA GLY A 241 10.33 -19.99 -15.16
C GLY A 241 9.70 -18.67 -14.77
N LEU A 242 8.38 -18.53 -14.68
CA LEU A 242 7.76 -17.20 -14.46
C LEU A 242 8.20 -16.63 -13.09
N GLY A 243 8.39 -17.49 -12.10
CA GLY A 243 8.84 -17.13 -10.75
C GLY A 243 10.23 -16.52 -10.75
N LEU A 244 11.03 -16.80 -11.78
CA LEU A 244 12.42 -16.31 -11.86
C LEU A 244 12.44 -14.77 -11.95
N ARG A 245 11.40 -14.16 -12.55
CA ARG A 245 11.33 -12.67 -12.66
C ARG A 245 11.58 -12.08 -11.28
N GLN A 246 10.77 -12.44 -10.29
CA GLN A 246 10.85 -11.90 -8.91
C GLN A 246 12.06 -12.48 -8.19
N ALA A 247 12.36 -13.78 -8.36
CA ALA A 247 13.46 -14.44 -7.60
C ALA A 247 14.80 -13.78 -7.97
N ILE A 248 15.08 -13.61 -9.26
CA ILE A 248 16.35 -12.99 -9.72
C ILE A 248 16.40 -11.53 -9.23
N THR A 249 15.32 -10.76 -9.37
CA THR A 249 15.30 -9.34 -8.92
C THR A 249 15.64 -9.29 -7.43
N LYS A 250 15.03 -10.17 -6.63
CA LYS A 250 15.28 -10.20 -5.16
C LYS A 250 16.71 -10.61 -4.84
N GLU A 251 17.28 -11.57 -5.61
CA GLU A 251 18.70 -11.97 -5.42
C GLU A 251 19.57 -10.73 -5.67
N VAL A 252 19.24 -9.90 -6.65
CA VAL A 252 20.01 -8.67 -6.94
C VAL A 252 19.81 -7.66 -5.78
N LEU A 253 18.56 -7.43 -5.37
CA LEU A 253 18.26 -6.46 -4.28
C LEU A 253 19.01 -6.90 -3.01
N LYS A 254 19.01 -8.21 -2.71
CA LYS A 254 19.76 -8.80 -1.58
C LYS A 254 21.26 -8.59 -1.73
N GLN A 255 21.85 -8.92 -2.88
CA GLN A 255 23.30 -8.69 -3.14
C GLN A 255 23.64 -7.23 -2.83
N GLU A 256 22.80 -6.28 -3.26
CA GLU A 256 23.08 -4.83 -3.13
C GLU A 256 22.64 -4.32 -1.75
N LYS A 257 22.13 -5.18 -0.87
CA LYS A 257 21.77 -4.85 0.53
C LYS A 257 20.61 -3.85 0.55
N ILE A 258 19.76 -3.84 -0.47
CA ILE A 258 18.57 -2.96 -0.55
C ILE A 258 17.48 -3.57 0.35
N ILE A 259 17.39 -4.90 0.37
CA ILE A 259 16.47 -5.69 1.21
C ILE A 259 17.33 -6.72 1.93
N PRO A 260 16.91 -7.14 3.14
CA PRO A 260 17.68 -8.12 3.91
C PRO A 260 17.61 -9.52 3.29
N GLU B 19 -26.32 -8.61 14.58
CA GLU B 19 -25.46 -7.46 14.22
C GLU B 19 -24.13 -7.55 14.97
N TRP B 20 -24.18 -7.66 16.31
CA TRP B 20 -22.99 -7.82 17.18
C TRP B 20 -23.07 -9.13 17.97
N GLN B 21 -22.20 -10.10 17.67
CA GLN B 21 -22.26 -11.44 18.29
C GLN B 21 -21.05 -11.64 19.20
N GLU B 22 -21.29 -12.15 20.41
CA GLU B 22 -20.21 -12.47 21.37
C GLU B 22 -19.80 -13.92 21.13
N ASN B 23 -18.52 -14.16 20.86
CA ASN B 23 -17.92 -15.51 20.71
C ASN B 23 -16.85 -15.64 21.80
N LYS B 24 -17.23 -16.20 22.94
CA LYS B 24 -16.35 -16.34 24.14
C LYS B 24 -15.21 -17.34 23.87
N SER B 25 -15.31 -18.15 22.81
CA SER B 25 -14.26 -19.12 22.40
C SER B 25 -12.96 -18.37 22.09
N TRP B 26 -13.03 -17.14 21.59
CA TRP B 26 -11.82 -16.33 21.30
C TRP B 26 -11.11 -15.94 22.61
N ASN B 27 -11.76 -16.00 23.77
CA ASN B 27 -11.06 -15.73 25.07
C ASN B 27 -9.83 -16.62 25.21
N ALA B 28 -9.85 -17.82 24.61
CA ALA B 28 -8.74 -18.78 24.72
C ALA B 28 -7.47 -18.15 24.11
N HIS B 29 -7.59 -17.30 23.08
CA HIS B 29 -6.42 -16.66 22.43
C HIS B 29 -5.75 -15.70 23.42
N PHE B 30 -6.51 -15.15 24.35
CA PHE B 30 -5.95 -14.31 25.42
C PHE B 30 -5.42 -15.19 26.57
N THR B 31 -6.24 -16.10 27.10
CA THR B 31 -5.92 -16.98 28.27
C THR B 31 -4.63 -17.78 27.99
N GLU B 32 -4.43 -18.27 26.77
CA GLU B 32 -3.23 -19.04 26.35
C GLU B 32 -1.97 -18.21 26.66
N HIS B 33 -2.03 -16.89 26.53
CA HIS B 33 -0.89 -15.97 26.79
C HIS B 33 -0.99 -15.34 28.17
N LYS B 34 -1.83 -15.86 29.07
CA LYS B 34 -2.06 -15.26 30.42
C LYS B 34 -2.34 -13.77 30.25
N SER B 35 -3.18 -13.44 29.28
CA SER B 35 -3.51 -12.02 28.98
C SER B 35 -5.03 -11.84 29.13
N GLN B 36 -5.48 -10.60 29.09
CA GLN B 36 -6.91 -10.23 29.05
C GLN B 36 -7.06 -9.14 27.99
N GLY B 37 -8.10 -9.21 27.20
CA GLY B 37 -8.37 -8.13 26.25
C GLY B 37 -9.59 -8.45 25.45
N VAL B 38 -9.80 -7.64 24.42
CA VAL B 38 -10.94 -7.80 23.51
C VAL B 38 -10.39 -7.77 22.08
N VAL B 39 -10.96 -8.60 21.21
CA VAL B 39 -10.84 -8.46 19.74
C VAL B 39 -12.23 -8.21 19.23
N VAL B 40 -12.37 -7.19 18.38
CA VAL B 40 -13.60 -6.91 17.58
C VAL B 40 -13.28 -7.09 16.10
N LEU B 41 -14.08 -7.90 15.39
CA LEU B 41 -14.04 -8.04 13.91
C LEU B 41 -15.34 -7.54 13.35
N TRP B 42 -15.25 -6.93 12.17
CA TRP B 42 -16.42 -6.46 11.40
C TRP B 42 -16.27 -6.98 9.97
N ASN B 43 -17.19 -7.85 9.59
CA ASN B 43 -17.30 -8.40 8.21
C ASN B 43 -18.02 -7.36 7.36
N GLU B 44 -17.33 -6.66 6.45
CA GLU B 44 -17.95 -5.52 5.74
C GLU B 44 -19.06 -6.03 4.81
N ASN B 45 -18.83 -7.10 4.07
CA ASN B 45 -19.86 -7.61 3.11
C ASN B 45 -21.13 -7.97 3.88
N LYS B 46 -21.03 -8.62 5.03
CA LYS B 46 -22.23 -9.16 5.76
C LYS B 46 -22.78 -8.14 6.76
N GLN B 47 -22.07 -7.03 7.02
CA GLN B 47 -22.46 -5.99 8.01
C GLN B 47 -22.71 -6.64 9.37
N GLN B 48 -21.80 -7.51 9.81
CA GLN B 48 -21.89 -8.22 11.11
C GLN B 48 -20.56 -8.11 11.83
N GLY B 49 -20.63 -7.92 13.13
CA GLY B 49 -19.51 -7.77 14.06
C GLY B 49 -19.46 -8.95 15.01
N PHE B 50 -18.25 -9.26 15.47
CA PHE B 50 -17.94 -10.39 16.35
C PHE B 50 -16.98 -9.88 17.43
N THR B 51 -17.13 -10.30 18.67
CA THR B 51 -16.13 -10.01 19.72
C THR B 51 -16.09 -11.16 20.73
N ASN B 52 -15.00 -11.26 21.48
CA ASN B 52 -14.95 -12.17 22.64
C ASN B 52 -15.62 -11.57 23.88
N ASN B 53 -15.91 -10.27 23.91
CA ASN B 53 -16.32 -9.57 25.15
C ASN B 53 -17.06 -8.27 24.81
N LEU B 54 -18.39 -8.31 24.75
CA LEU B 54 -19.24 -7.15 24.33
C LEU B 54 -18.99 -5.98 25.28
N LYS B 55 -18.88 -6.24 26.58
CA LYS B 55 -18.68 -5.15 27.59
C LYS B 55 -17.35 -4.45 27.28
N ARG B 56 -16.26 -5.19 27.23
CA ARG B 56 -14.92 -4.59 26.99
C ARG B 56 -14.86 -3.96 25.59
N ALA B 57 -15.54 -4.54 24.59
CA ALA B 57 -15.59 -4.03 23.22
C ALA B 57 -16.11 -2.58 23.24
N ASN B 58 -16.93 -2.21 24.22
CA ASN B 58 -17.62 -0.89 24.29
C ASN B 58 -17.04 -0.08 25.42
N GLN B 59 -15.97 -0.53 26.05
CA GLN B 59 -15.28 0.30 27.06
C GLN B 59 -14.24 1.20 26.38
N ALA B 60 -14.17 2.47 26.79
CA ALA B 60 -13.27 3.48 26.18
C ALA B 60 -11.93 3.44 26.90
N PHE B 61 -10.84 3.41 26.14
CA PHE B 61 -9.46 3.46 26.67
C PHE B 61 -8.72 4.62 26.00
N LEU B 62 -7.65 5.08 26.62
CA LEU B 62 -6.75 6.08 25.99
C LEU B 62 -6.32 5.49 24.65
N PRO B 63 -6.38 6.29 23.56
CA PRO B 63 -6.03 5.79 22.21
C PRO B 63 -4.54 5.53 21.99
N ALA B 64 -3.68 6.22 22.76
CA ALA B 64 -2.23 6.27 22.56
C ALA B 64 -1.94 6.47 21.05
N SER B 65 -1.07 5.65 20.44
CA SER B 65 -0.56 5.90 19.07
C SER B 65 -1.66 5.68 18.05
N THR B 66 -2.81 5.08 18.39
CA THR B 66 -3.91 4.91 17.41
C THR B 66 -4.46 6.30 17.06
N PHE B 67 -4.21 7.31 17.91
CA PHE B 67 -4.68 8.71 17.68
C PHE B 67 -3.93 9.29 16.48
OH ALY B 68 0.85 10.44 19.01
CH ALY B 68 1.16 9.31 19.36
CH3 ALY B 68 0.72 8.75 20.68
NZ ALY B 68 1.87 8.49 18.57
CE ALY B 68 2.36 8.85 17.25
CD ALY B 68 1.52 8.21 16.14
CG ALY B 68 0.22 8.97 16.03
CB ALY B 68 -0.69 8.52 14.88
CA ALY B 68 -2.07 9.18 14.95
N ALY B 68 -2.83 8.65 16.08
C ALY B 68 -2.89 9.09 13.67
O ALY B 68 -2.61 9.82 12.73
HH31 ALY B 68 0.98 7.82 20.74
HH32 ALY B 68 -0.25 8.84 20.77
HH33 ALY B 68 1.15 9.25 21.40
HZ ALY B 68 2.06 7.69 18.86
HE3 ALY B 68 3.29 8.55 17.15
HE2 ALY B 68 2.34 9.82 17.15
HD3 ALY B 68 1.33 7.28 16.36
HD2 ALY B 68 2.00 8.25 15.29
HG3 ALY B 68 0.43 9.92 15.90
HG2 ALY B 68 -0.27 8.88 16.87
HB3 ALY B 68 -0.79 7.54 14.92
HB2 ALY B 68 -0.27 8.75 14.02
HA ALY B 68 -1.92 10.13 15.13
H ALY B 68 -2.51 7.83 16.55
N ILE B 69 -3.95 8.28 13.63
CA ILE B 69 -4.76 8.22 12.42
C ILE B 69 -5.52 9.55 12.28
N PRO B 70 -6.37 9.97 13.23
CA PRO B 70 -7.11 11.22 13.07
C PRO B 70 -6.18 12.44 13.05
N ASN B 71 -5.12 12.40 13.86
CA ASN B 71 -4.12 13.51 13.88
C ASN B 71 -3.55 13.67 12.46
N SER B 72 -3.12 12.58 11.82
CA SER B 72 -2.56 12.63 10.43
C SER B 72 -3.59 13.24 9.48
N LEU B 73 -4.84 12.79 9.56
CA LEU B 73 -5.91 13.23 8.65
C LEU B 73 -6.09 14.74 8.77
N ILE B 74 -6.15 15.23 10.00
CA ILE B 74 -6.41 16.67 10.28
C ILE B 74 -5.21 17.49 9.79
N ALA B 75 -3.99 17.06 10.13
CA ALA B 75 -2.76 17.75 9.68
C ALA B 75 -2.73 17.85 8.14
N LEU B 76 -3.10 16.79 7.42
CA LEU B 76 -3.09 16.78 5.94
C LEU B 76 -4.18 17.72 5.44
N ASP B 77 -5.39 17.60 6.00
CA ASP B 77 -6.55 18.35 5.47
C ASP B 77 -6.28 19.85 5.59
N LEU B 78 -5.59 20.27 6.67
CA LEU B 78 -5.30 21.69 6.95
C LEU B 78 -3.99 22.15 6.29
N GLY B 79 -3.22 21.28 5.66
CA GLY B 79 -1.96 21.68 4.99
C GLY B 79 -0.84 21.89 5.99
N VAL B 80 -1.01 21.46 7.23
CA VAL B 80 0.07 21.41 8.25
C VAL B 80 1.09 20.38 7.80
N VAL B 81 0.62 19.28 7.18
CA VAL B 81 1.48 18.32 6.45
C VAL B 81 1.15 18.47 4.98
N LYS B 82 2.16 18.78 4.15
CA LYS B 82 1.95 19.08 2.72
C LYS B 82 1.63 17.77 2.00
N ASP B 83 2.41 16.72 2.27
CA ASP B 83 2.25 15.38 1.68
C ASP B 83 3.10 14.40 2.49
N GLU B 84 3.08 13.14 2.08
CA GLU B 84 3.74 12.04 2.83
C GLU B 84 5.27 12.06 2.62
N HIS B 85 5.82 13.01 1.85
CA HIS B 85 7.29 13.12 1.59
C HIS B 85 7.91 14.21 2.46
N GLN B 86 7.11 15.17 2.92
CA GLN B 86 7.63 16.30 3.72
C GLN B 86 8.40 15.74 4.91
N VAL B 87 9.61 16.25 5.10
CA VAL B 87 10.56 15.82 6.17
C VAL B 87 10.33 16.68 7.41
N PHE B 88 10.16 16.03 8.54
CA PHE B 88 10.08 16.68 9.87
C PHE B 88 11.41 16.40 10.55
N LYS B 89 12.22 17.44 10.71
CA LYS B 89 13.63 17.30 11.14
C LYS B 89 13.64 16.87 12.60
N TRP B 90 14.48 15.91 12.94
CA TRP B 90 14.76 15.59 14.37
C TRP B 90 15.23 16.87 15.09
N ASP B 91 14.68 17.16 16.28
CA ASP B 91 15.04 18.32 17.12
C ASP B 91 16.35 18.08 17.87
N GLY B 92 17.07 16.97 17.58
CA GLY B 92 18.40 16.70 18.16
C GLY B 92 18.38 16.28 19.63
N GLN B 93 17.20 16.02 20.19
CA GLN B 93 17.02 15.54 21.59
C GLN B 93 16.84 14.03 21.54
N THR B 94 17.72 13.28 22.19
CA THR B 94 17.66 11.82 22.19
C THR B 94 16.53 11.39 23.14
N ARG B 95 15.57 10.62 22.62
CA ARG B 95 14.46 10.02 23.41
C ARG B 95 14.71 8.51 23.49
N ASP B 96 14.02 7.79 24.37
CA ASP B 96 14.43 6.40 24.70
C ASP B 96 13.97 5.44 23.60
N ILE B 97 13.15 5.83 22.62
CA ILE B 97 12.84 4.96 21.44
C ILE B 97 13.80 5.38 20.31
N ALA B 98 14.75 4.55 19.94
CA ALA B 98 15.90 4.92 19.08
C ALA B 98 15.40 5.43 17.72
N THR B 99 14.35 4.78 17.16
CA THR B 99 13.83 5.10 15.81
C THR B 99 13.28 6.53 15.78
N TRP B 100 13.06 7.17 16.92
CA TRP B 100 12.55 8.57 16.96
C TRP B 100 13.66 9.57 16.66
N ASN B 101 14.91 9.13 16.83
CA ASN B 101 16.06 10.07 16.94
C ASN B 101 16.65 10.32 15.55
N ARG B 102 15.78 10.68 14.61
CA ARG B 102 16.13 10.81 13.17
C ARG B 102 15.05 11.62 12.49
N ASP B 103 15.31 12.03 11.26
CA ASP B 103 14.32 12.77 10.47
C ASP B 103 13.21 11.79 10.10
N HIS B 104 12.00 12.27 9.94
CA HIS B 104 10.83 11.42 9.59
C HIS B 104 10.01 12.11 8.53
N ASN B 105 9.26 11.30 7.78
CA ASN B 105 8.13 11.81 6.97
C ASN B 105 6.85 11.21 7.57
N LEU B 106 5.69 11.49 6.98
CA LEU B 106 4.42 10.93 7.53
C LEU B 106 4.48 9.40 7.55
N ILE B 107 5.10 8.76 6.56
CA ILE B 107 5.08 7.26 6.48
C ILE B 107 5.84 6.71 7.69
N THR B 108 7.06 7.20 7.94
CA THR B 108 7.92 6.67 9.03
C THR B 108 7.43 7.16 10.41
N ALA B 109 6.86 8.36 10.49
CA ALA B 109 6.27 8.91 11.74
C ALA B 109 5.13 8.01 12.21
N MET B 110 4.32 7.49 11.29
CA MET B 110 3.25 6.52 11.60
CA MET B 110 3.26 6.54 11.64
C MET B 110 3.90 5.19 12.00
N LYS B 111 4.80 4.69 11.16
CA LYS B 111 5.38 3.33 11.33
C LYS B 111 6.04 3.19 12.70
N TYR B 112 6.77 4.23 13.13
CA TYR B 112 7.54 4.24 14.40
C TYR B 112 6.83 5.03 15.50
N SER B 113 5.60 5.49 15.26
CA SER B 113 4.76 6.16 16.29
C SER B 113 5.56 7.29 16.94
N VAL B 114 6.04 8.23 16.13
CA VAL B 114 6.98 9.30 16.58
C VAL B 114 6.19 10.44 17.23
N VAL B 115 6.01 10.33 18.54
CA VAL B 115 5.15 11.24 19.33
C VAL B 115 5.54 12.68 19.08
N PRO B 116 6.83 13.08 19.17
CA PRO B 116 7.16 14.51 19.11
C PRO B 116 6.76 15.18 17.78
N VAL B 117 6.79 14.41 16.70
CA VAL B 117 6.36 14.89 15.37
C VAL B 117 4.86 15.21 15.43
N TYR B 118 4.07 14.32 16.04
CA TYR B 118 2.59 14.45 16.13
C TYR B 118 2.21 15.56 17.11
N GLN B 119 3.02 15.78 18.14
CA GLN B 119 2.78 16.91 19.08
C GLN B 119 2.94 18.23 18.35
N GLU B 120 3.94 18.35 17.48
CA GLU B 120 4.17 19.57 16.69
C GLU B 120 3.00 19.72 15.70
N PHE B 121 2.55 18.64 15.05
CA PHE B 121 1.35 18.75 14.17
C PHE B 121 0.19 19.36 14.97
N ALA B 122 -0.06 18.80 16.16
CA ALA B 122 -1.18 19.19 17.05
C ALA B 122 -1.08 20.70 17.36
N ARG B 123 0.11 21.20 17.68
CA ARG B 123 0.30 22.64 18.04
C ARG B 123 -0.09 23.53 16.84
N GLN B 124 0.32 23.15 15.63
CA GLN B 124 0.01 23.91 14.38
C GLN B 124 -1.49 23.79 14.05
N ILE B 125 -2.09 22.62 14.26
CA ILE B 125 -3.56 22.43 14.06
C ILE B 125 -4.29 23.41 15.00
N GLY B 126 -3.91 23.39 16.29
CA GLY B 126 -4.51 24.26 17.32
C GLY B 126 -5.81 23.67 17.87
N GLU B 127 -6.17 24.07 19.10
CA GLU B 127 -7.24 23.37 19.86
C GLU B 127 -8.59 23.58 19.18
N ALA B 128 -8.90 24.75 18.58
CA ALA B 128 -10.25 24.98 17.99
C ALA B 128 -10.46 24.03 16.81
N ARG B 129 -9.51 23.98 15.88
CA ARG B 129 -9.62 23.13 14.68
C ARG B 129 -9.57 21.65 15.09
N MET B 130 -8.75 21.30 16.08
CA MET B 130 -8.63 19.87 16.52
C MET B 130 -9.98 19.44 17.09
N SER B 131 -10.58 20.26 17.96
CA SER B 131 -11.86 19.92 18.63
C SER B 131 -12.96 19.75 17.58
N LYS B 132 -13.09 20.71 16.66
CA LYS B 132 -14.15 20.68 15.61
C LYS B 132 -13.97 19.42 14.75
N MET B 133 -12.74 19.14 14.32
CA MET B 133 -12.50 18.02 13.38
C MET B 133 -12.78 16.68 14.08
N LEU B 134 -12.38 16.52 15.33
CA LEU B 134 -12.66 15.25 16.07
C LEU B 134 -14.17 15.10 16.26
N HIS B 135 -14.89 16.20 16.49
CA HIS B 135 -16.37 16.17 16.61
C HIS B 135 -16.96 15.72 15.27
N ALA B 136 -16.48 16.27 14.14
CA ALA B 136 -16.99 15.90 12.81
C ALA B 136 -16.69 14.43 12.54
N PHE B 137 -15.56 13.94 13.02
CA PHE B 137 -15.19 12.49 12.89
C PHE B 137 -16.02 11.60 13.83
N ASP B 138 -16.75 12.19 14.78
CA ASP B 138 -17.43 11.46 15.88
C ASP B 138 -16.39 10.62 16.64
N TYR B 139 -15.19 11.16 16.83
CA TYR B 139 -14.04 10.41 17.39
C TYR B 139 -13.90 10.77 18.86
N GLY B 140 -14.18 9.81 19.73
CA GLY B 140 -13.99 9.95 21.18
C GLY B 140 -15.02 10.83 21.88
N ASN B 141 -14.87 10.97 23.20
CA ASN B 141 -15.77 11.72 24.09
C ASN B 141 -15.75 13.19 23.67
N GLU B 142 -16.90 13.87 23.68
CA GLU B 142 -16.99 15.29 23.25
C GLU B 142 -16.43 16.19 24.38
N ASP B 143 -16.33 15.67 25.60
CA ASP B 143 -15.88 16.42 26.82
C ASP B 143 -14.35 16.27 27.00
N ILE B 144 -13.57 16.96 26.16
CA ILE B 144 -12.09 16.77 26.09
C ILE B 144 -11.41 17.84 26.95
N SER B 145 -10.63 17.41 27.97
CA SER B 145 -9.75 18.26 28.79
C SER B 145 -8.28 18.04 28.39
N GLY B 146 -7.44 19.08 28.52
CA GLY B 146 -6.01 19.04 28.16
C GLY B 146 -5.71 19.99 27.00
N ASN B 147 -4.50 20.50 26.91
CA ASN B 147 -4.13 21.33 25.74
C ASN B 147 -3.92 20.46 24.49
N VAL B 148 -3.80 21.16 23.37
CA VAL B 148 -3.91 20.53 22.03
C VAL B 148 -2.75 19.54 21.81
N ASP B 149 -1.58 19.71 22.44
CA ASP B 149 -0.40 18.85 22.21
C ASP B 149 -0.26 17.72 23.25
N SER B 150 -1.21 17.56 24.17
CA SER B 150 -1.08 16.64 25.33
C SER B 150 -2.36 15.83 25.57
N PHE B 151 -3.53 16.38 25.22
CA PHE B 151 -4.83 15.79 25.63
C PHE B 151 -4.91 14.31 25.24
N TRP B 152 -4.35 13.92 24.09
CA TRP B 152 -4.55 12.52 23.60
C TRP B 152 -3.56 11.58 24.27
N LEU B 153 -2.55 12.15 24.94
CA LEU B 153 -1.50 11.37 25.67
C LEU B 153 -1.90 11.15 27.12
N ASP B 154 -2.57 12.12 27.72
CA ASP B 154 -2.73 12.27 29.20
C ASP B 154 -4.12 11.87 29.66
N GLY B 155 -5.00 11.46 28.76
CA GLY B 155 -6.33 10.92 29.13
C GLY B 155 -7.45 11.89 28.95
N GLY B 156 -7.25 13.03 28.28
CA GLY B 156 -8.35 13.92 27.89
C GLY B 156 -9.29 13.27 26.87
N ILE B 157 -8.84 12.25 26.13
CA ILE B 157 -9.72 11.58 25.13
C ILE B 157 -9.62 10.04 25.26
N ARG B 158 -10.72 9.36 25.01
CA ARG B 158 -10.82 7.90 25.13
C ARG B 158 -11.77 7.42 24.04
N ILE B 159 -11.59 6.17 23.65
CA ILE B 159 -12.34 5.54 22.53
C ILE B 159 -12.39 4.04 22.80
N SER B 160 -13.49 3.43 22.43
CA SER B 160 -13.68 1.95 22.51
C SER B 160 -13.26 1.25 21.20
N ALA B 161 -13.09 -0.07 21.27
CA ALA B 161 -12.81 -0.93 20.11
C ALA B 161 -13.93 -0.78 19.08
N THR B 162 -15.20 -0.80 19.49
CA THR B 162 -16.34 -0.68 18.55
C THR B 162 -16.33 0.71 17.91
N GLU B 163 -15.93 1.75 18.65
CA GLU B 163 -15.90 3.14 18.10
C GLU B 163 -14.70 3.27 17.15
N GLN B 164 -13.62 2.52 17.37
CA GLN B 164 -12.49 2.44 16.43
C GLN B 164 -13.00 1.85 15.11
N ILE B 165 -13.76 0.76 15.16
CA ILE B 165 -14.34 0.16 13.93
C ILE B 165 -15.18 1.22 13.18
N SER B 166 -16.12 1.88 13.84
CA SER B 166 -16.99 2.90 13.15
C SER B 166 -16.11 3.93 12.47
N PHE B 167 -15.12 4.49 13.17
CA PHE B 167 -14.20 5.49 12.61
C PHE B 167 -13.45 4.92 11.38
N LEU B 168 -12.88 3.73 11.52
CA LEU B 168 -12.08 3.10 10.46
C LEU B 168 -12.95 2.81 9.23
N ARG B 169 -14.22 2.45 9.41
CA ARG B 169 -15.13 2.15 8.28
C ARG B 169 -15.38 3.45 7.49
N LYS B 170 -15.50 4.58 8.18
CA LYS B 170 -15.68 5.87 7.50
C LYS B 170 -14.41 6.18 6.68
N LEU B 171 -13.23 6.00 7.28
CA LEU B 171 -11.95 6.27 6.58
C LEU B 171 -11.85 5.37 5.34
N TYR B 172 -12.13 4.07 5.49
CA TYR B 172 -12.04 3.10 4.36
C TYR B 172 -12.89 3.59 3.19
N HIS B 173 -14.09 4.10 3.45
CA HIS B 173 -15.07 4.54 2.41
C HIS B 173 -14.87 6.00 2.00
N ASN B 174 -13.84 6.70 2.51
CA ASN B 174 -13.59 8.14 2.24
C ASN B 174 -14.80 8.97 2.69
N LYS B 175 -15.48 8.57 3.77
CA LYS B 175 -16.70 9.26 4.27
C LYS B 175 -16.41 10.25 5.38
N LEU B 176 -15.18 10.34 5.90
CA LEU B 176 -14.86 11.35 6.93
C LEU B 176 -14.92 12.74 6.29
N HIS B 177 -15.22 13.76 7.08
CA HIS B 177 -15.35 15.18 6.64
C HIS B 177 -13.94 15.79 6.58
N VAL B 178 -13.08 15.19 5.76
CA VAL B 178 -11.80 15.77 5.24
C VAL B 178 -11.72 15.39 3.75
N SER B 179 -10.74 15.91 3.03
CA SER B 179 -10.55 15.68 1.57
C SER B 179 -10.42 14.16 1.32
N GLU B 180 -10.88 13.67 0.18
CA GLU B 180 -10.55 12.30 -0.26
C GLU B 180 -9.03 12.10 -0.21
N ARG B 181 -8.28 13.05 -0.72
CA ARG B 181 -6.79 12.96 -0.79
C ARG B 181 -6.24 12.71 0.62
N SER B 182 -6.70 13.45 1.63
CA SER B 182 -6.23 13.28 3.03
C SER B 182 -6.47 11.83 3.45
N GLN B 183 -7.62 11.27 3.09
CA GLN B 183 -7.99 9.90 3.52
C GLN B 183 -7.09 8.89 2.79
N ARG B 184 -6.85 9.07 1.48
CA ARG B 184 -5.99 8.14 0.70
C ARG B 184 -4.57 8.20 1.27
N ILE B 185 -4.06 9.39 1.59
CA ILE B 185 -2.67 9.47 2.13
C ILE B 185 -2.56 8.76 3.48
N VAL B 186 -3.53 8.94 4.38
CA VAL B 186 -3.46 8.24 5.70
C VAL B 186 -3.60 6.74 5.51
N LYS B 187 -4.45 6.27 4.62
CA LYS B 187 -4.57 4.82 4.35
C LYS B 187 -3.27 4.28 3.79
N GLN B 188 -2.57 5.05 2.94
CA GLN B 188 -1.21 4.66 2.47
C GLN B 188 -0.28 4.56 3.67
N ALA B 189 -0.28 5.56 4.55
CA ALA B 189 0.62 5.60 5.73
C ALA B 189 0.28 4.46 6.71
N MET B 190 -0.94 3.93 6.68
CA MET B 190 -1.34 2.83 7.61
C MET B 190 -0.83 1.48 7.08
N LEU B 191 -0.33 1.42 5.85
CA LEU B 191 0.09 0.14 5.26
C LEU B 191 1.07 -0.54 6.22
N THR B 192 0.80 -1.77 6.60
CA THR B 192 1.62 -2.51 7.58
C THR B 192 2.18 -3.79 6.97
N GLU B 193 1.36 -4.51 6.22
CA GLU B 193 1.75 -5.83 5.69
C GLU B 193 0.96 -6.09 4.40
N ALA B 194 1.59 -6.71 3.39
CA ALA B 194 0.87 -7.10 2.17
C ALA B 194 1.57 -8.30 1.54
N ASN B 195 0.79 -9.20 0.97
CA ASN B 195 1.32 -10.31 0.14
C ASN B 195 0.20 -10.69 -0.82
N GLY B 196 0.31 -11.87 -1.44
CA GLY B 196 -0.68 -12.36 -2.42
C GLY B 196 -2.01 -12.73 -1.80
N ASP B 197 -2.12 -12.85 -0.46
CA ASP B 197 -3.36 -13.29 0.21
C ASP B 197 -4.13 -12.11 0.80
N TYR B 198 -3.44 -11.08 1.29
CA TYR B 198 -4.14 -10.00 2.06
C TYR B 198 -3.26 -8.76 2.15
N ILE B 199 -3.92 -7.64 2.46
CA ILE B 199 -3.27 -6.35 2.80
C ILE B 199 -3.77 -5.96 4.18
N ILE B 200 -2.89 -5.58 5.09
CA ILE B 200 -3.29 -5.05 6.40
C ILE B 200 -2.89 -3.57 6.44
N ARG B 201 -3.87 -2.70 6.65
CA ARG B 201 -3.65 -1.27 6.95
C ARG B 201 -4.05 -1.14 8.41
N ALA B 202 -3.16 -0.62 9.27
CA ALA B 202 -3.43 -0.67 10.72
C ALA B 202 -2.50 0.30 11.45
N LYS B 203 -2.78 0.49 12.73
CA LYS B 203 -1.97 1.33 13.63
C LYS B 203 -1.91 0.64 15.00
N THR B 204 -0.69 0.44 15.51
CA THR B 204 -0.44 -0.01 16.91
C THR B 204 -0.61 1.14 17.92
N GLY B 205 -0.94 0.80 19.17
CA GLY B 205 -0.87 1.73 20.30
C GLY B 205 -0.36 1.05 21.53
N TYR B 206 0.29 1.80 22.41
CA TYR B 206 0.70 1.33 23.75
C TYR B 206 0.58 2.51 24.72
N SER B 207 -0.34 2.40 25.67
CA SER B 207 -0.74 3.43 26.66
C SER B 207 -0.19 2.99 28.01
N THR B 208 0.71 3.73 28.65
CA THR B 208 1.27 3.37 29.98
C THR B 208 1.03 4.45 31.06
N ARG B 209 0.48 5.59 30.70
CA ARG B 209 0.33 6.78 31.59
C ARG B 209 -0.74 6.52 32.65
N ILE B 210 -1.77 5.77 32.34
CA ILE B 210 -2.95 5.56 33.23
C ILE B 210 -3.29 4.09 33.18
N GLU B 211 -3.65 3.48 34.31
CA GLU B 211 -4.06 2.05 34.37
C GLU B 211 -5.43 1.88 33.74
N PRO B 212 -5.72 0.73 33.09
CA PRO B 212 -4.75 -0.35 32.93
C PRO B 212 -3.81 -0.01 31.75
N LYS B 213 -2.52 -0.27 31.89
CA LYS B 213 -1.59 -0.12 30.74
C LYS B 213 -2.14 -1.02 29.64
N ILE B 214 -2.33 -0.51 28.42
CA ILE B 214 -2.90 -1.37 27.34
C ILE B 214 -2.16 -1.19 26.02
N GLY B 215 -2.31 -2.23 25.21
CA GLY B 215 -1.84 -2.30 23.82
C GLY B 215 -3.06 -2.30 22.94
N TRP B 216 -2.94 -1.61 21.80
CA TRP B 216 -3.97 -1.56 20.76
C TRP B 216 -3.40 -2.12 19.46
N TRP B 217 -4.29 -2.68 18.63
CA TRP B 217 -4.03 -2.80 17.18
C TRP B 217 -5.37 -2.62 16.49
N VAL B 218 -5.47 -1.58 15.67
CA VAL B 218 -6.74 -1.28 14.96
C VAL B 218 -6.43 -1.14 13.48
N GLY B 219 -7.33 -1.60 12.63
CA GLY B 219 -7.15 -1.44 11.18
C GLY B 219 -8.09 -2.34 10.42
N TRP B 220 -7.63 -2.84 9.29
CA TRP B 220 -8.44 -3.79 8.52
C TRP B 220 -7.56 -4.68 7.66
N VAL B 221 -8.19 -5.78 7.22
CA VAL B 221 -7.64 -6.79 6.29
C VAL B 221 -8.41 -6.66 4.98
N GLU B 222 -7.75 -6.21 3.91
CA GLU B 222 -8.32 -6.17 2.56
C GLU B 222 -8.06 -7.54 1.92
N LEU B 223 -9.14 -8.21 1.53
CA LEU B 223 -9.14 -9.45 0.73
C LEU B 223 -9.56 -9.08 -0.70
N ASP B 224 -9.45 -10.03 -1.62
CA ASP B 224 -9.92 -9.83 -3.02
C ASP B 224 -11.37 -9.32 -3.02
N ASP B 225 -12.24 -9.91 -2.18
CA ASP B 225 -13.72 -9.82 -2.30
C ASP B 225 -14.37 -9.32 -1.01
N ASN B 226 -13.61 -8.95 0.02
CA ASN B 226 -14.19 -8.45 1.29
C ASN B 226 -13.15 -7.59 2.02
N VAL B 227 -13.61 -6.92 3.06
CA VAL B 227 -12.74 -6.23 4.05
C VAL B 227 -13.21 -6.67 5.43
N TRP B 228 -12.26 -7.07 6.26
CA TRP B 228 -12.49 -7.38 7.68
C TRP B 228 -11.85 -6.29 8.53
N PHE B 229 -12.66 -5.43 9.15
CA PHE B 229 -12.15 -4.41 10.10
C PHE B 229 -11.84 -5.11 11.42
N PHE B 230 -10.85 -4.58 12.15
CA PHE B 230 -10.48 -5.17 13.45
C PHE B 230 -10.04 -4.05 14.38
N ALA B 231 -10.31 -4.26 15.66
CA ALA B 231 -9.87 -3.37 16.76
C ALA B 231 -9.68 -4.28 17.95
N MET B 232 -8.47 -4.29 18.48
CA MET B 232 -8.14 -5.12 19.65
C MET B 232 -7.44 -4.24 20.67
N ASN B 233 -7.77 -4.42 21.95
CA ASN B 233 -6.89 -3.90 23.02
C ASN B 233 -6.73 -5.01 24.05
N MET B 234 -5.65 -4.91 24.81
CA MET B 234 -5.31 -5.95 25.80
C MET B 234 -4.50 -5.29 26.89
N ASP B 235 -4.59 -5.85 28.09
CA ASP B 235 -3.75 -5.41 29.23
C ASP B 235 -2.28 -5.69 28.88
N MET B 236 -1.42 -4.73 29.16
CA MET B 236 0.01 -4.76 28.75
C MET B 236 0.84 -4.29 29.93
N PRO B 237 0.94 -5.13 31.00
CA PRO B 237 1.60 -4.70 32.24
C PRO B 237 3.09 -4.39 32.03
N THR B 238 3.74 -5.00 31.04
CA THR B 238 5.14 -4.69 30.63
C THR B 238 5.26 -4.66 29.10
N SER B 239 6.33 -4.03 28.60
CA SER B 239 6.60 -3.87 27.14
C SER B 239 6.99 -5.21 26.51
N ASP B 240 7.30 -6.22 27.31
CA ASP B 240 7.68 -7.59 26.86
C ASP B 240 6.56 -8.17 26.00
N GLY B 241 5.28 -7.87 26.27
CA GLY B 241 4.14 -8.50 25.58
C GLY B 241 3.67 -7.79 24.32
N LEU B 242 4.42 -6.81 23.79
CA LEU B 242 3.86 -5.90 22.76
C LEU B 242 3.55 -6.69 21.47
N GLY B 243 4.34 -7.72 21.18
CA GLY B 243 4.14 -8.61 20.02
C GLY B 243 2.80 -9.32 20.05
N LEU B 244 2.20 -9.47 21.23
CA LEU B 244 0.93 -10.20 21.37
C LEU B 244 -0.20 -9.41 20.70
N ARG B 245 -0.08 -8.08 20.55
CA ARG B 245 -1.15 -7.27 19.91
C ARG B 245 -1.42 -7.86 18.52
N GLN B 246 -0.37 -7.99 17.70
CA GLN B 246 -0.48 -8.58 16.33
C GLN B 246 -0.69 -10.10 16.42
N ALA B 247 0.03 -10.81 17.29
CA ALA B 247 -0.01 -12.29 17.34
C ALA B 247 -1.43 -12.76 17.69
N ILE B 248 -2.04 -12.17 18.70
CA ILE B 248 -3.41 -12.58 19.12
C ILE B 248 -4.40 -12.25 17.99
N THR B 249 -4.30 -11.06 17.39
CA THR B 249 -5.21 -10.67 16.28
C THR B 249 -5.09 -11.73 15.17
N LYS B 250 -3.86 -12.09 14.79
CA LYS B 250 -3.62 -13.05 13.69
C LYS B 250 -4.10 -14.46 14.07
N GLU B 251 -3.93 -14.89 15.33
CA GLU B 251 -4.52 -16.17 15.80
C GLU B 251 -6.04 -16.15 15.54
N VAL B 252 -6.70 -15.03 15.81
CA VAL B 252 -8.17 -14.91 15.61
C VAL B 252 -8.46 -14.92 14.09
N LEU B 253 -7.75 -14.10 13.30
CA LEU B 253 -7.99 -14.03 11.83
C LEU B 253 -7.79 -15.43 11.24
N LYS B 254 -6.73 -16.14 11.64
CA LYS B 254 -6.43 -17.54 11.21
C LYS B 254 -7.58 -18.48 11.62
N GLN B 255 -8.01 -18.47 12.88
CA GLN B 255 -9.13 -19.31 13.36
C GLN B 255 -10.34 -19.06 12.45
N GLU B 256 -10.65 -17.81 12.11
CA GLU B 256 -11.86 -17.47 11.31
C GLU B 256 -11.59 -17.64 9.81
N LYS B 257 -10.40 -18.11 9.41
CA LYS B 257 -10.06 -18.41 7.99
C LYS B 257 -10.06 -17.12 7.17
N ILE B 258 -9.82 -15.96 7.78
CA ILE B 258 -9.74 -14.66 7.07
C ILE B 258 -8.38 -14.59 6.38
N ILE B 259 -7.34 -15.10 7.03
CA ILE B 259 -5.97 -15.25 6.47
C ILE B 259 -5.56 -16.71 6.63
N PRO B 260 -4.69 -17.22 5.73
CA PRO B 260 -4.19 -18.60 5.84
C PRO B 260 -3.34 -18.86 7.10
C7 ID1 C . 0.67 -9.97 -18.91
C2 ID1 C . 0.67 -14.13 -16.81
C6 ID1 C . 0.08 -11.33 -19.18
C5 ID1 C . -0.15 -12.08 -17.86
C3 ID1 C . 1.48 -12.90 -16.49
O7 ID1 C . 1.80 -9.69 -19.19
C61 ID1 C . -1.08 -11.26 -20.19
O62 ID1 C . -1.45 -12.58 -20.50
C62 ID1 C . -0.72 -10.56 -21.47
N4 ID1 C . 1.00 -11.81 -16.98
C31 ID1 C . 2.66 -12.86 -15.56
O31 ID1 C . 2.84 -13.76 -14.76
O32 ID1 C . 3.38 -11.88 -15.64
S21 ID1 C . 1.76 -15.61 -17.11
C22 ID1 C . 0.64 -16.96 -16.65
C23 ID1 C . -0.02 -17.47 -17.89
N24 ID1 C . 0.09 -18.93 -17.95
C25 ID1 C . 0.80 -19.45 -18.87
N26 ID1 C . 0.81 -20.77 -19.09
C1 ID1 C . -0.17 -13.62 -17.98
H2 ID1 C . 0.07 -14.34 -16.06
H3 ID1 C . 0.78 -11.84 -19.65
H4 ID1 C . -0.98 -11.77 -17.42
H6 ID1 C . -1.85 -10.80 -19.76
H7 ID1 C . -1.70 -12.99 -19.81
H8 ID1 C . -1.49 -10.09 -21.80
H9 ID1 C . -0.43 -11.22 -22.13
H10 ID1 C . 0.01 -9.94 -21.30
H14 ID1 C . -0.02 -16.62 -16.01
H15 ID1 C . 1.15 -17.67 -16.21
H16 ID1 C . 0.39 -17.06 -18.68
H17 ID1 C . -0.97 -17.20 -17.87
H18 ID1 C . 1.34 -18.91 -19.42
H19 ID1 C . 1.30 -21.06 -19.72
H20 ID1 C . 0.29 -21.28 -18.60
H21 ID1 C . -1.08 -13.97 -17.92
H22 ID1 C . 0.22 -13.91 -18.83
C1 1BO D . 16.27 12.22 -14.51
C2 1BO D . 17.21 11.16 -15.08
C3 1BO D . 17.10 9.80 -14.43
C4 1BO D . 17.23 8.55 -15.30
OH 1BO D . 16.32 7.51 -14.90
H11 1BO D . 16.45 13.08 -14.93
H12 1BO D . 16.40 12.29 -13.56
H13 1BO D . 15.35 11.96 -14.69
H21 1BO D . 18.13 11.48 -14.97
H22 1BO D . 17.05 11.07 -16.04
H31 1BO D . 16.24 9.76 -13.97
H32 1BO D . 17.80 9.75 -13.74
H41 1BO D . 18.14 8.21 -15.25
H42 1BO D . 17.04 8.79 -16.23
HO 1BO D . 16.51 7.29 -14.11
C1 1BO E . 20.39 0.76 0.01
C2 1BO E . 19.83 1.79 0.94
C3 1BO E . 19.33 3.09 0.29
C4 1BO E . 19.44 4.29 1.17
OH 1BO E . 18.66 4.22 2.38
H11 1BO E . 20.98 0.15 0.52
H12 1BO E . 20.90 1.18 -0.69
H13 1BO E . 19.66 0.24 -0.38
H21 1BO E . 20.52 2.03 1.59
H22 1BO E . 19.08 1.39 1.43
H31 1BO E . 18.39 2.98 0.04
H32 1BO E . 19.84 3.26 -0.53
H41 1BO E . 19.16 5.08 0.67
H42 1BO E . 20.38 4.42 1.41
HO 1BO E . 17.85 4.09 2.17
C1 1BO F . 11.55 15.33 -8.74
C2 1BO F . 11.91 14.20 -9.69
C3 1BO F . 11.03 14.15 -10.91
C4 1BO F . 11.12 12.89 -11.74
OH 1BO F . 10.95 13.15 -13.13
H11 1BO F . 12.14 15.30 -7.97
H12 1BO F . 10.62 15.22 -8.44
H13 1BO F . 11.64 16.19 -9.19
H21 1BO F . 11.84 13.35 -9.22
H22 1BO F . 12.85 14.32 -9.98
H31 1BO F . 11.26 14.92 -11.49
H32 1BO F . 10.11 14.26 -10.62
H41 1BO F . 10.42 12.26 -11.45
H42 1BO F . 11.99 12.46 -11.60
HO 1BO F . 10.16 13.44 -13.25
P PO4 G . -2.43 -12.71 -23.88
O1 PO4 G . -2.88 -11.72 -22.87
O2 PO4 G . -3.63 -13.02 -24.78
O3 PO4 G . -1.96 -14.00 -23.13
O4 PO4 G . -1.29 -12.18 -24.72
C7 ID1 H . 2.07 4.78 20.63
C2 ID1 H . 4.22 6.87 24.14
C6 ID1 H . 3.51 5.01 21.02
C5 ID1 H . 3.59 5.38 22.49
C3 ID1 H . 2.73 6.93 23.88
O7 ID1 H . 1.23 4.11 21.19
C61 ID1 H . 4.38 3.84 20.57
O62 ID1 H . 4.00 2.67 21.26
C62 ID1 H . 5.86 4.10 20.74
N4 ID1 H . 2.39 6.16 22.90
C31 ID1 H . 1.70 7.60 24.77
O31 ID1 H . 0.50 7.57 24.44
O32 ID1 H . 2.11 8.10 25.81
S21 ID1 H . 4.99 8.44 24.70
C22 ID1 H . 6.68 7.86 24.96
C23 ID1 H . 6.75 6.80 26.01
N24 ID1 H . 8.19 6.59 26.30
C25 ID1 H . 8.77 5.47 26.04
N26 ID1 H . 8.25 4.53 25.27
C1 ID1 H . 4.74 6.30 22.84
H2 ID1 H . 4.39 6.20 24.84
H3 ID1 H . 3.83 5.80 20.51
H4 ID1 H . 3.63 4.57 23.03
H6 ID1 H . 4.20 3.67 19.60
H7 ID1 H . 3.20 2.49 21.10
H8 ID1 H . 6.37 3.46 20.18
H9 ID1 H . 6.11 3.98 21.67
H10 ID1 H . 6.08 5.00 20.45
H14 ID1 H . 7.25 8.61 25.20
H15 ID1 H . 7.02 7.50 24.11
H16 ID1 H . 6.35 5.96 25.68
H17 ID1 H . 6.28 7.09 26.82
H18 ID1 H . 9.60 5.29 26.45
H19 ID1 H . 8.71 3.79 25.13
H20 ID1 H . 7.46 4.65 24.91
H21 ID1 H . 5.57 5.81 22.96
H22 ID1 H . 4.86 7.00 22.16
C1 1BO I . 4.59 -0.34 17.03
C2 1BO I . 5.08 -0.51 18.47
C3 1BO I . 6.04 0.50 19.02
C4 1BO I . 6.59 0.08 20.37
OH 1BO I . 5.98 0.73 21.52
H11 1BO I . 4.00 -1.08 16.80
H12 1BO I . 5.35 -0.34 16.42
H13 1BO I . 4.09 0.49 16.95
H21 1BO I . 5.51 -1.39 18.54
H22 1BO I . 4.29 -0.52 19.06
H31 1BO I . 5.58 1.37 19.12
H32 1BO I . 6.77 0.63 18.39
H41 1BO I . 7.55 0.28 20.39
H42 1BO I . 6.49 -0.89 20.47
HO 1BO I . 5.13 0.70 21.44
C1 1BO J . -21.11 3.03 2.53
C2 1BO J . -20.95 2.63 3.99
C3 1BO J . -20.42 3.75 4.87
C4 1BO J . -19.91 3.44 6.27
OH 1BO J . -19.96 4.62 7.11
H11 1BO J . -21.52 2.30 2.03
H12 1BO J . -20.23 3.22 2.15
H13 1BO J . -21.67 3.82 2.47
H21 1BO J . -20.32 1.87 4.05
H22 1BO J . -21.81 2.33 4.33
H31 1BO J . -21.13 4.42 4.95
H32 1BO J . -19.68 4.17 4.38
H41 1BO J . -18.99 3.12 6.22
H42 1BO J . -20.48 2.74 6.67
HO 1BO J . -19.45 5.20 6.79
#